data_5ZR6
#
_entry.id   5ZR6
#
_cell.length_a   137.120
_cell.length_b   47.459
_cell.length_c   88.468
_cell.angle_alpha   90.00
_cell.angle_beta   116.04
_cell.angle_gamma   90.00
#
_symmetry.space_group_name_H-M   'C 1 2 1'
#
loop_
_entity.id
_entity.type
_entity.pdbx_description
1 polymer 'Metal-dependent transcriptional regulator'
2 non-polymer 'MANGANESE (II) ION'
3 water water
#
_entity_poly.entity_id   1
_entity_poly.type   'polypeptide(L)'
_entity_poly.pdbx_seq_one_letter_code
;MAVAQDYLKVIWTAQEWSQDKVSTKMLAERIGVSASTASESIRKLAEQGLVDHEKYGAVTLTDSGRRAALAMVRRHRLLE
TFLVNELGYRWDEVHDEAEVLEHAVSDRLMARIDAKLGFPQRDPHGDPIPGADGQVPTPPARQLWACRDGDTGTVARISD
ADPQMLRYFASIGISLDSRLRVLARREFAGMISVAIDSADGATVDLGSPAAQAIWVVSLEHHHHHH
;
_entity_poly.pdbx_strand_id   A,B
#
# COMPACT_ATOMS: atom_id res chain seq x y z
N VAL A 3 -15.82 -4.16 7.64
CA VAL A 3 -15.40 -3.32 6.52
C VAL A 3 -16.36 -3.50 5.35
N ALA A 4 -17.10 -2.44 5.02
CA ALA A 4 -18.19 -2.54 4.05
C ALA A 4 -17.67 -2.94 2.67
N GLN A 5 -16.50 -2.43 2.28
CA GLN A 5 -15.97 -2.74 0.95
C GLN A 5 -15.63 -4.21 0.80
N ASP A 6 -15.25 -4.87 1.91
CA ASP A 6 -14.93 -6.29 1.83
C ASP A 6 -16.11 -7.13 1.39
N TYR A 7 -17.33 -6.72 1.77
CA TYR A 7 -18.52 -7.50 1.44
C TYR A 7 -18.78 -7.52 -0.06
N LEU A 8 -18.75 -6.36 -0.72
CA LEU A 8 -19.05 -6.34 -2.15
C LEU A 8 -18.03 -7.15 -2.93
N LYS A 9 -16.75 -7.03 -2.58
CA LYS A 9 -15.72 -7.80 -3.26
C LYS A 9 -15.93 -9.30 -3.03
N VAL A 10 -16.31 -9.67 -1.81
CA VAL A 10 -16.50 -11.09 -1.50
C VAL A 10 -17.72 -11.64 -2.22
N ILE A 11 -18.82 -10.88 -2.24
CA ILE A 11 -20.02 -11.34 -2.93
C ILE A 11 -19.70 -11.60 -4.40
N TRP A 12 -18.96 -10.69 -5.03
CA TRP A 12 -18.65 -10.81 -6.45
C TRP A 12 -17.72 -11.97 -6.72
N THR A 13 -16.70 -12.17 -5.87
CA THR A 13 -15.77 -13.27 -6.09
C THR A 13 -16.45 -14.62 -5.92
N ALA A 14 -17.43 -14.71 -5.03
CA ALA A 14 -18.17 -15.96 -4.87
C ALA A 14 -18.98 -16.29 -6.13
N GLN A 15 -19.56 -15.27 -6.75
CA GLN A 15 -20.31 -15.45 -7.99
C GLN A 15 -19.43 -15.53 -9.23
N GLU A 16 -18.10 -15.48 -9.07
CA GLU A 16 -17.23 -15.40 -10.23
C GLU A 16 -17.08 -16.76 -10.92
N TRP A 17 -17.00 -17.84 -10.14
CA TRP A 17 -16.82 -19.17 -10.69
C TRP A 17 -17.93 -20.13 -10.27
N SER A 18 -19.04 -19.60 -9.78
CA SER A 18 -20.15 -20.44 -9.36
C SER A 18 -21.43 -19.62 -9.37
N GLN A 19 -22.55 -20.33 -9.41
CA GLN A 19 -23.88 -19.70 -9.45
C GLN A 19 -24.76 -20.37 -8.39
N ASP A 20 -24.41 -20.16 -7.13
CA ASP A 20 -25.18 -20.74 -6.05
C ASP A 20 -25.89 -19.64 -5.27
N LYS A 21 -25.61 -19.56 -3.98
CA LYS A 21 -26.17 -18.50 -3.15
C LYS A 21 -25.08 -18.07 -2.17
N VAL A 22 -25.07 -16.79 -1.83
CA VAL A 22 -24.12 -16.35 -0.82
C VAL A 22 -24.89 -15.96 0.44
N SER A 23 -25.14 -16.95 1.29
CA SER A 23 -25.85 -16.69 2.53
C SER A 23 -24.99 -15.82 3.45
N THR A 24 -25.67 -15.18 4.41
CA THR A 24 -24.95 -14.33 5.36
C THR A 24 -23.97 -15.15 6.20
N LYS A 25 -24.23 -16.45 6.37
CA LYS A 25 -23.27 -17.32 7.03
C LYS A 25 -22.07 -17.62 6.15
N MET A 26 -22.26 -17.68 4.83
CA MET A 26 -21.11 -17.83 3.94
C MET A 26 -20.22 -16.60 4.00
N LEU A 27 -20.84 -15.41 4.01
CA LEU A 27 -20.07 -14.16 4.15
C LEU A 27 -19.27 -14.15 5.45
N ALA A 28 -19.92 -14.46 6.56
CA ALA A 28 -19.30 -14.28 7.87
C ALA A 28 -18.02 -15.10 8.00
N GLU A 29 -18.06 -16.37 7.62
CA GLU A 29 -16.92 -17.25 7.84
C GLU A 29 -15.75 -16.95 6.90
N ARG A 30 -16.01 -16.34 5.74
CA ARG A 30 -14.92 -16.02 4.83
C ARG A 30 -14.40 -14.59 5.00
N ILE A 31 -15.28 -13.63 5.30
CA ILE A 31 -14.82 -12.29 5.61
C ILE A 31 -14.06 -12.28 6.92
N GLY A 32 -14.43 -13.17 7.84
CA GLY A 32 -13.68 -13.38 9.07
C GLY A 32 -14.31 -12.82 10.33
N VAL A 33 -15.59 -12.47 10.31
CA VAL A 33 -16.27 -11.92 11.46
C VAL A 33 -17.52 -12.74 11.75
N SER A 34 -18.06 -12.56 12.95
CA SER A 34 -19.22 -13.33 13.38
C SER A 34 -20.43 -13.02 12.51
N ALA A 35 -21.32 -14.02 12.36
CA ALA A 35 -22.54 -13.83 11.60
C ALA A 35 -23.48 -12.84 12.26
N SER A 36 -23.29 -12.54 13.54
CA SER A 36 -24.12 -11.55 14.23
C SER A 36 -23.95 -10.19 13.59
N THR A 37 -22.71 -9.78 13.31
CA THR A 37 -22.44 -8.50 12.70
C THR A 37 -22.49 -8.52 11.18
N ALA A 38 -22.27 -9.68 10.56
CA ALA A 38 -22.38 -9.78 9.10
C ALA A 38 -23.81 -9.50 8.64
N SER A 39 -24.80 -10.03 9.36
CA SER A 39 -26.18 -9.72 9.06
C SER A 39 -26.46 -8.23 9.24
N GLU A 40 -25.97 -7.66 10.34
CA GLU A 40 -26.11 -6.22 10.55
C GLU A 40 -25.34 -5.43 9.50
N SER A 41 -24.26 -6.00 8.97
CA SER A 41 -23.50 -5.34 7.92
C SER A 41 -24.24 -5.40 6.59
N ILE A 42 -24.51 -6.62 6.11
CA ILE A 42 -25.16 -6.81 4.81
C ILE A 42 -26.50 -6.06 4.75
N ARG A 43 -27.12 -5.85 5.91
CA ARG A 43 -28.33 -5.02 5.98
C ARG A 43 -28.04 -3.59 5.56
N LYS A 44 -26.87 -3.07 5.91
CA LYS A 44 -26.54 -1.67 5.62
C LYS A 44 -26.37 -1.45 4.12
N LEU A 45 -25.62 -2.33 3.45
CA LEU A 45 -25.32 -2.12 2.04
C LEU A 45 -26.57 -2.22 1.17
N ALA A 46 -27.57 -2.99 1.60
CA ALA A 46 -28.83 -3.03 0.86
C ALA A 46 -29.57 -1.71 0.96
N GLU A 47 -29.43 -1.00 2.08
CA GLU A 47 -30.06 0.30 2.22
C GLU A 47 -29.41 1.35 1.32
N GLN A 48 -28.11 1.20 1.05
CA GLN A 48 -27.40 2.11 0.17
C GLN A 48 -27.63 1.82 -1.31
N GLY A 49 -28.45 0.84 -1.64
CA GLY A 49 -28.69 0.49 -3.02
C GLY A 49 -27.55 -0.25 -3.68
N LEU A 50 -26.82 -1.07 -2.91
CA LEU A 50 -25.68 -1.80 -3.43
C LEU A 50 -25.91 -3.30 -3.52
N VAL A 51 -26.69 -3.89 -2.63
CA VAL A 51 -27.00 -5.31 -2.64
C VAL A 51 -28.49 -5.50 -2.36
N ASP A 52 -28.91 -6.76 -2.27
CA ASP A 52 -30.29 -7.10 -2.01
C ASP A 52 -30.35 -8.50 -1.43
N HIS A 53 -31.25 -8.71 -0.47
CA HIS A 53 -31.45 -10.03 0.11
C HIS A 53 -32.85 -10.21 0.68
N GLY A 57 -32.18 -14.43 3.49
CA GLY A 57 -32.04 -15.38 2.39
C GLY A 57 -30.75 -15.21 1.60
N ALA A 58 -30.87 -15.16 0.28
CA ALA A 58 -29.72 -15.04 -0.61
C ALA A 58 -29.41 -13.57 -0.89
N VAL A 59 -28.13 -13.30 -1.16
CA VAL A 59 -27.65 -11.95 -1.40
C VAL A 59 -27.18 -11.84 -2.85
N THR A 60 -27.45 -10.69 -3.48
CA THR A 60 -27.06 -10.44 -4.85
C THR A 60 -26.55 -9.02 -4.99
N LEU A 61 -25.85 -8.75 -6.08
CA LEU A 61 -25.34 -7.41 -6.39
C LEU A 61 -26.36 -6.66 -7.23
N THR A 62 -26.53 -5.38 -6.91
CA THR A 62 -27.25 -4.47 -7.80
C THR A 62 -26.28 -3.95 -8.85
N ASP A 63 -26.70 -2.98 -9.64
CA ASP A 63 -25.81 -2.41 -10.65
C ASP A 63 -24.82 -1.44 -10.02
N SER A 64 -25.21 -0.75 -8.95
CA SER A 64 -24.26 0.10 -8.25
C SER A 64 -23.30 -0.73 -7.41
N GLY A 65 -23.71 -1.93 -7.01
CA GLY A 65 -22.81 -2.83 -6.30
C GLY A 65 -21.85 -3.54 -7.22
N ARG A 66 -22.25 -3.81 -8.46
CA ARG A 66 -21.36 -4.47 -9.41
C ARG A 66 -20.17 -3.57 -9.76
N ARG A 67 -20.44 -2.33 -10.15
CA ARG A 67 -19.36 -1.41 -10.48
C ARG A 67 -18.50 -1.08 -9.26
N ALA A 68 -19.07 -1.17 -8.05
CA ALA A 68 -18.29 -0.93 -6.86
C ALA A 68 -17.44 -2.15 -6.49
N ALA A 69 -18.00 -3.35 -6.62
CA ALA A 69 -17.23 -4.56 -6.36
C ALA A 69 -16.14 -4.76 -7.40
N LEU A 70 -16.45 -4.47 -8.67
CA LEU A 70 -15.43 -4.57 -9.72
C LEU A 70 -14.26 -3.63 -9.45
N ALA A 71 -14.53 -2.48 -8.82
CA ALA A 71 -13.45 -1.58 -8.44
C ALA A 71 -12.57 -2.21 -7.35
N MET A 72 -13.21 -2.78 -6.31
CA MET A 72 -12.45 -3.42 -5.24
C MET A 72 -11.64 -4.60 -5.76
N VAL A 73 -12.23 -5.41 -6.64
CA VAL A 73 -11.51 -6.55 -7.20
C VAL A 73 -10.30 -6.08 -8.00
N ARG A 74 -10.46 -4.98 -8.74
CA ARG A 74 -9.35 -4.48 -9.56
C ARG A 74 -8.19 -4.03 -8.70
N ARG A 75 -8.46 -3.32 -7.60
CA ARG A 75 -7.39 -2.87 -6.71
C ARG A 75 -6.71 -4.06 -6.05
N HIS A 76 -7.49 -4.99 -5.51
CA HIS A 76 -6.92 -6.18 -4.87
C HIS A 76 -6.01 -6.94 -5.82
N ARG A 77 -6.45 -7.12 -7.07
CA ARG A 77 -5.74 -8.01 -7.98
C ARG A 77 -4.55 -7.33 -8.64
N LEU A 78 -4.64 -6.03 -8.90
CA LEU A 78 -3.48 -5.30 -9.36
C LEU A 78 -2.42 -5.18 -8.26
N LEU A 79 -2.85 -5.14 -7.00
CA LEU A 79 -1.90 -5.08 -5.89
C LEU A 79 -1.16 -6.40 -5.74
N GLU A 80 -1.88 -7.52 -5.80
CA GLU A 80 -1.23 -8.83 -5.81
C GLU A 80 -0.18 -8.91 -6.90
N THR A 81 -0.53 -8.45 -8.10
CA THR A 81 0.40 -8.49 -9.23
C THR A 81 1.61 -7.60 -8.99
N PHE A 82 1.40 -6.42 -8.40
CA PHE A 82 2.52 -5.50 -8.17
C PHE A 82 3.46 -6.04 -7.09
N LEU A 83 2.93 -6.74 -6.09
CA LEU A 83 3.78 -7.29 -5.04
C LEU A 83 4.69 -8.38 -5.57
N VAL A 84 4.27 -9.11 -6.61
CA VAL A 84 5.08 -10.21 -7.15
C VAL A 84 6.10 -9.67 -8.15
N ASN A 85 5.64 -8.82 -9.08
CA ASN A 85 6.45 -8.45 -10.23
C ASN A 85 7.42 -7.32 -9.95
N GLU A 86 7.31 -6.62 -8.83
CA GLU A 86 8.18 -5.48 -8.55
C GLU A 86 8.82 -5.57 -7.17
N LEU A 87 8.12 -6.18 -6.21
CA LEU A 87 8.61 -6.22 -4.83
C LEU A 87 9.10 -7.59 -4.40
N GLY A 88 8.94 -8.63 -5.21
CA GLY A 88 9.53 -9.92 -4.93
C GLY A 88 8.71 -10.84 -4.04
N TYR A 89 7.41 -10.62 -3.93
CA TYR A 89 6.57 -11.57 -3.22
C TYR A 89 6.44 -12.87 -4.01
N ARG A 90 6.09 -13.94 -3.29
CA ARG A 90 5.62 -15.16 -3.91
C ARG A 90 4.09 -15.13 -3.97
N TRP A 91 3.51 -16.07 -4.72
CA TRP A 91 2.08 -16.00 -4.96
C TRP A 91 1.25 -16.44 -3.75
N ASP A 92 1.86 -17.00 -2.71
CA ASP A 92 1.13 -17.34 -1.50
C ASP A 92 1.17 -16.23 -0.45
N GLU A 93 2.06 -15.24 -0.61
CA GLU A 93 2.22 -14.15 0.35
C GLU A 93 1.42 -12.91 -0.03
N VAL A 94 0.82 -12.88 -1.22
CA VAL A 94 0.25 -11.63 -1.73
C VAL A 94 -1.19 -11.38 -1.26
N HIS A 95 -1.95 -12.43 -0.97
CA HIS A 95 -3.38 -12.22 -0.75
C HIS A 95 -3.64 -11.52 0.58
N ASP A 96 -2.94 -11.92 1.64
CA ASP A 96 -3.14 -11.27 2.93
C ASP A 96 -2.68 -9.82 2.91
N GLU A 97 -1.68 -9.50 2.07
CA GLU A 97 -1.20 -8.12 1.99
C GLU A 97 -2.19 -7.25 1.24
N ALA A 98 -2.57 -7.64 0.02
CA ALA A 98 -3.51 -6.85 -0.76
C ALA A 98 -4.90 -6.82 -0.15
N GLU A 99 -5.20 -7.75 0.77
CA GLU A 99 -6.49 -7.71 1.45
C GLU A 99 -6.57 -6.52 2.41
N VAL A 100 -5.43 -6.03 2.88
CA VAL A 100 -5.38 -4.86 3.75
C VAL A 100 -5.08 -3.59 2.96
N LEU A 101 -4.20 -3.68 1.96
CA LEU A 101 -3.82 -2.53 1.15
C LEU A 101 -4.94 -2.04 0.26
N GLU A 102 -6.02 -2.81 0.09
CA GLU A 102 -7.06 -2.46 -0.87
C GLU A 102 -7.90 -1.26 -0.42
N HIS A 103 -7.97 -0.97 0.88
CA HIS A 103 -8.80 0.11 1.39
C HIS A 103 -8.05 1.40 1.64
N ALA A 104 -6.77 1.47 1.27
CA ALA A 104 -5.97 2.65 1.55
C ALA A 104 -5.36 3.25 0.29
N VAL A 105 -5.69 2.74 -0.88
CA VAL A 105 -5.07 3.16 -2.13
C VAL A 105 -6.00 4.09 -2.88
N SER A 106 -5.44 5.17 -3.43
CA SER A 106 -6.17 6.09 -4.27
C SER A 106 -6.12 5.64 -5.73
N ASP A 107 -7.06 6.16 -6.53
CA ASP A 107 -7.11 5.82 -7.95
C ASP A 107 -5.84 6.24 -8.67
N ARG A 108 -5.18 7.30 -8.20
CA ARG A 108 -3.92 7.74 -8.80
C ARG A 108 -2.86 6.66 -8.67
N LEU A 109 -2.80 6.00 -7.52
CA LEU A 109 -1.76 5.00 -7.30
C LEU A 109 -1.97 3.76 -8.16
N MET A 110 -3.22 3.31 -8.30
CA MET A 110 -3.50 2.19 -9.19
C MET A 110 -3.20 2.54 -10.65
N ALA A 111 -3.34 3.81 -11.02
CA ALA A 111 -3.03 4.21 -12.39
C ALA A 111 -1.56 4.01 -12.70
N ARG A 112 -0.68 4.49 -11.81
CA ARG A 112 0.75 4.30 -12.04
C ARG A 112 1.15 2.84 -11.81
N ILE A 113 0.48 2.15 -10.89
CA ILE A 113 0.71 0.71 -10.74
C ILE A 113 0.32 -0.01 -12.02
N ASP A 114 -0.87 0.28 -12.54
CA ASP A 114 -1.33 -0.34 -13.79
C ASP A 114 -0.39 0.00 -14.94
N ALA A 115 0.04 1.26 -15.02
CA ALA A 115 0.89 1.69 -16.13
C ALA A 115 2.27 1.05 -16.04
N LYS A 116 2.83 0.95 -14.83
CA LYS A 116 4.15 0.36 -14.68
C LYS A 116 4.13 -1.15 -14.93
N LEU A 117 3.04 -1.81 -14.55
CA LEU A 117 2.90 -3.25 -14.77
C LEU A 117 2.63 -3.61 -16.22
N GLY A 118 2.50 -2.64 -17.11
CA GLY A 118 2.17 -2.92 -18.49
C GLY A 118 0.72 -3.28 -18.72
N PHE A 119 -0.19 -2.82 -17.85
CA PHE A 119 -1.61 -3.13 -17.91
C PHE A 119 -1.83 -4.64 -17.92
N PRO A 120 -1.61 -5.32 -16.80
CA PRO A 120 -1.83 -6.76 -16.78
C PRO A 120 -3.30 -7.10 -16.68
N GLN A 121 -3.64 -8.26 -17.23
CA GLN A 121 -5.03 -8.73 -17.25
C GLN A 121 -5.29 -9.86 -16.28
N ARG A 122 -4.26 -10.46 -15.68
CA ARG A 122 -4.45 -11.60 -14.79
C ARG A 122 -3.48 -11.53 -13.63
N ASP A 123 -3.86 -12.21 -12.55
CA ASP A 123 -3.15 -12.27 -11.28
C ASP A 123 -1.86 -13.06 -11.38
N PRO A 124 -1.06 -13.13 -10.30
CA PRO A 124 -0.11 -14.23 -10.17
C PRO A 124 -0.79 -15.58 -10.10
N HIS A 125 -2.08 -15.60 -9.76
CA HIS A 125 -2.89 -16.81 -9.73
C HIS A 125 -3.73 -16.99 -11.00
N GLY A 126 -3.63 -16.07 -11.95
CA GLY A 126 -4.48 -16.10 -13.13
C GLY A 126 -5.84 -15.48 -12.93
N ASP A 127 -6.14 -14.96 -11.75
CA ASP A 127 -7.41 -14.28 -11.52
C ASP A 127 -7.53 -13.09 -12.47
N PRO A 128 -8.63 -12.97 -13.22
CA PRO A 128 -8.74 -11.89 -14.19
C PRO A 128 -8.83 -10.53 -13.50
N ILE A 129 -8.09 -9.57 -14.03
CA ILE A 129 -8.07 -8.20 -13.50
C ILE A 129 -9.10 -7.39 -14.28
N PRO A 130 -10.19 -6.95 -13.66
CA PRO A 130 -11.17 -6.14 -14.40
C PRO A 130 -10.55 -4.83 -14.88
N GLY A 131 -10.88 -4.46 -16.11
CA GLY A 131 -10.42 -3.19 -16.64
C GLY A 131 -11.04 -2.02 -15.91
N ALA A 132 -10.42 -0.85 -16.09
CA ALA A 132 -10.95 0.38 -15.48
C ALA A 132 -12.36 0.66 -15.98
N ASP A 133 -12.60 0.44 -17.27
CA ASP A 133 -13.96 0.52 -17.80
C ASP A 133 -14.89 -0.48 -17.14
N GLY A 134 -14.39 -1.65 -16.78
CA GLY A 134 -15.18 -2.64 -16.06
C GLY A 134 -15.65 -3.82 -16.89
N GLN A 135 -14.77 -4.32 -17.77
CA GLN A 135 -15.16 -5.42 -18.65
C GLN A 135 -15.00 -6.77 -17.97
N VAL A 136 -13.85 -7.01 -17.34
CA VAL A 136 -13.43 -8.29 -16.77
C VAL A 136 -13.07 -9.25 -17.90
N PRO A 137 -11.81 -9.68 -18.00
CA PRO A 137 -11.45 -10.68 -19.02
C PRO A 137 -11.43 -12.10 -18.46
N THR A 138 -12.61 -12.69 -18.31
CA THR A 138 -12.71 -14.04 -17.77
C THR A 138 -12.32 -15.07 -18.83
N PRO A 139 -11.41 -15.99 -18.53
CA PRO A 139 -11.09 -17.05 -19.49
C PRO A 139 -12.12 -18.15 -19.45
N PRO A 140 -12.31 -18.87 -20.56
CA PRO A 140 -13.30 -19.96 -20.57
C PRO A 140 -12.74 -21.25 -19.99
N ALA A 141 -12.97 -21.47 -18.69
CA ALA A 141 -12.31 -22.56 -17.99
C ALA A 141 -13.28 -23.24 -17.03
N ARG A 142 -12.91 -24.45 -16.62
CA ARG A 142 -13.61 -25.18 -15.57
C ARG A 142 -12.57 -25.88 -14.70
N GLN A 143 -13.02 -26.32 -13.53
CA GLN A 143 -12.12 -26.96 -12.58
C GLN A 143 -11.57 -28.27 -13.12
N LEU A 144 -10.35 -28.61 -12.70
CA LEU A 144 -9.76 -29.88 -13.09
C LEU A 144 -10.59 -31.06 -12.59
N TRP A 145 -11.09 -30.96 -11.35
CA TRP A 145 -11.94 -32.01 -10.80
C TRP A 145 -13.19 -32.22 -11.65
N ALA A 146 -13.70 -31.15 -12.27
CA ALA A 146 -14.89 -31.25 -13.11
C ALA A 146 -14.63 -31.89 -14.46
N CYS A 147 -13.36 -32.11 -14.82
N CYS A 147 -13.38 -32.14 -14.82
CA CYS A 147 -13.02 -32.77 -16.07
CA CYS A 147 -13.05 -32.75 -16.09
C CYS A 147 -13.14 -34.28 -15.90
C CYS A 147 -12.79 -34.25 -15.92
N ARG A 148 -12.95 -34.99 -17.01
CA ARG A 148 -12.98 -36.44 -17.00
C ARG A 148 -11.72 -37.01 -17.66
N ASP A 149 -11.60 -38.34 -17.58
CA ASP A 149 -10.40 -39.03 -18.04
C ASP A 149 -10.15 -38.80 -19.52
N GLY A 150 -8.89 -38.58 -19.88
CA GLY A 150 -8.50 -38.32 -21.24
C GLY A 150 -8.42 -36.85 -21.61
N ASP A 151 -9.13 -35.99 -20.89
CA ASP A 151 -9.13 -34.56 -21.19
C ASP A 151 -7.75 -33.96 -20.96
N THR A 152 -7.45 -32.90 -21.70
CA THR A 152 -6.23 -32.13 -21.53
C THR A 152 -6.60 -30.66 -21.29
N GLY A 153 -5.59 -29.86 -20.99
CA GLY A 153 -5.82 -28.45 -20.81
C GLY A 153 -4.64 -27.68 -20.24
N THR A 154 -4.72 -26.35 -20.34
CA THR A 154 -3.71 -25.44 -19.82
C THR A 154 -4.22 -24.78 -18.55
N VAL A 155 -3.43 -24.84 -17.48
CA VAL A 155 -3.84 -24.23 -16.22
C VAL A 155 -4.01 -22.73 -16.42
N ALA A 156 -5.19 -22.21 -16.07
CA ALA A 156 -5.52 -20.81 -16.31
C ALA A 156 -5.78 -20.01 -15.05
N ARG A 157 -6.21 -20.64 -13.96
CA ARG A 157 -6.50 -19.91 -12.74
C ARG A 157 -6.44 -20.89 -11.56
N ILE A 158 -5.78 -20.47 -10.48
CA ILE A 158 -5.67 -21.27 -9.27
C ILE A 158 -6.18 -20.44 -8.11
N SER A 159 -7.08 -21.03 -7.32
CA SER A 159 -7.60 -20.35 -6.15
C SER A 159 -6.50 -20.06 -5.15
N ASP A 160 -6.65 -18.95 -4.42
CA ASP A 160 -5.68 -18.55 -3.41
C ASP A 160 -6.27 -18.59 -2.01
N ALA A 161 -7.37 -19.31 -1.81
CA ALA A 161 -7.98 -19.39 -0.48
C ALA A 161 -7.07 -20.07 0.52
N ASP A 162 -6.21 -20.96 0.07
CA ASP A 162 -5.29 -21.69 0.94
C ASP A 162 -3.87 -21.47 0.46
N PRO A 163 -3.05 -20.68 1.17
CA PRO A 163 -1.68 -20.44 0.69
C PRO A 163 -0.82 -21.70 0.73
N GLN A 164 -1.13 -22.64 1.62
CA GLN A 164 -0.40 -23.90 1.64
C GLN A 164 -0.54 -24.63 0.31
N MET A 165 -1.74 -24.60 -0.28
CA MET A 165 -1.97 -25.31 -1.52
C MET A 165 -1.21 -24.69 -2.68
N LEU A 166 -1.06 -23.36 -2.67
CA LEU A 166 -0.21 -22.71 -3.68
C LEU A 166 1.25 -23.14 -3.50
N ARG A 167 1.69 -23.27 -2.25
CA ARG A 167 3.04 -23.75 -1.99
C ARG A 167 3.24 -25.16 -2.52
N TYR A 168 2.26 -26.03 -2.25
CA TYR A 168 2.32 -27.41 -2.74
C TYR A 168 2.36 -27.44 -4.26
N PHE A 169 1.54 -26.61 -4.93
CA PHE A 169 1.50 -26.60 -6.38
C PHE A 169 2.85 -26.19 -6.97
N ALA A 170 3.47 -25.16 -6.40
CA ALA A 170 4.76 -24.69 -6.91
C ALA A 170 5.85 -25.74 -6.73
N SER A 171 5.78 -26.54 -5.66
CA SER A 171 6.83 -27.51 -5.39
C SER A 171 6.79 -28.68 -6.37
N ILE A 172 5.61 -29.05 -6.85
CA ILE A 172 5.50 -30.18 -7.78
C ILE A 172 5.58 -29.74 -9.23
N GLY A 173 5.18 -28.51 -9.54
CA GLY A 173 5.37 -27.99 -10.88
C GLY A 173 4.09 -27.57 -11.59
N ILE A 174 3.03 -27.31 -10.84
CA ILE A 174 1.76 -26.87 -11.41
C ILE A 174 1.74 -25.35 -11.29
N SER A 175 2.16 -24.68 -12.36
CA SER A 175 2.11 -23.23 -12.46
C SER A 175 1.06 -22.84 -13.48
N LEU A 176 0.87 -21.53 -13.64
CA LEU A 176 0.03 -21.05 -14.73
C LEU A 176 0.70 -21.36 -16.06
N ASP A 177 -0.11 -21.73 -17.05
CA ASP A 177 0.26 -22.06 -18.43
C ASP A 177 0.85 -23.47 -18.54
N SER A 178 0.90 -24.25 -17.47
CA SER A 178 1.36 -25.63 -17.56
C SER A 178 0.23 -26.52 -18.08
N ARG A 179 0.57 -27.43 -19.00
CA ARG A 179 -0.42 -28.29 -19.63
C ARG A 179 -0.53 -29.62 -18.89
N LEU A 180 -1.76 -30.06 -18.65
CA LEU A 180 -2.05 -31.28 -17.93
C LEU A 180 -2.86 -32.24 -18.80
N ARG A 181 -2.80 -33.53 -18.47
CA ARG A 181 -3.77 -34.50 -18.93
C ARG A 181 -4.22 -35.34 -17.75
N VAL A 182 -5.52 -35.56 -17.65
CA VAL A 182 -6.06 -36.44 -16.62
C VAL A 182 -5.86 -37.89 -17.03
N LEU A 183 -5.29 -38.68 -16.14
CA LEU A 183 -5.01 -40.10 -16.39
C LEU A 183 -6.05 -41.01 -15.77
N ALA A 184 -6.34 -40.85 -14.48
CA ALA A 184 -7.29 -41.70 -13.76
C ALA A 184 -8.01 -40.86 -12.73
N ARG A 185 -9.28 -40.52 -13.01
CA ARG A 185 -10.12 -39.78 -12.08
C ARG A 185 -10.97 -40.79 -11.31
N ARG A 186 -10.64 -40.98 -10.04
CA ARG A 186 -11.35 -41.90 -9.16
C ARG A 186 -12.24 -41.07 -8.25
N GLU A 187 -13.49 -40.87 -8.67
CA GLU A 187 -14.42 -40.04 -7.91
C GLU A 187 -14.57 -40.54 -6.48
N PHE A 188 -14.49 -41.84 -6.28
CA PHE A 188 -14.31 -42.45 -4.97
C PHE A 188 -12.90 -43.05 -4.99
N ALA A 189 -12.03 -42.56 -4.12
CA ALA A 189 -12.42 -41.64 -3.07
C ALA A 189 -11.65 -40.32 -3.13
N GLY A 190 -12.07 -39.44 -4.04
CA GLY A 190 -11.51 -38.10 -4.13
C GLY A 190 -10.06 -38.04 -4.55
N MET A 191 -9.72 -38.70 -5.65
CA MET A 191 -8.36 -38.72 -6.16
C MET A 191 -8.39 -38.61 -7.68
N ILE A 192 -7.45 -37.86 -8.25
CA ILE A 192 -7.34 -37.69 -9.69
C ILE A 192 -5.87 -37.65 -10.05
N SER A 193 -5.48 -38.44 -11.05
CA SER A 193 -4.10 -38.56 -11.47
C SER A 193 -3.89 -37.76 -12.75
N VAL A 194 -2.93 -36.83 -12.74
CA VAL A 194 -2.65 -36.01 -13.90
C VAL A 194 -1.17 -36.15 -14.26
N ALA A 195 -0.86 -35.79 -15.50
CA ALA A 195 0.51 -35.82 -16.02
C ALA A 195 0.90 -34.41 -16.39
N ILE A 196 1.88 -33.86 -15.67
CA ILE A 196 2.37 -32.51 -15.94
C ILE A 196 3.30 -32.56 -17.15
N ASP A 197 2.99 -31.75 -18.16
CA ASP A 197 3.85 -31.67 -19.34
C ASP A 197 5.04 -30.79 -19.00
N SER A 198 6.14 -31.42 -18.59
CA SER A 198 7.36 -30.71 -18.19
C SER A 198 8.54 -31.33 -18.92
N ALA A 199 9.74 -30.80 -18.63
CA ALA A 199 10.96 -31.27 -19.25
C ALA A 199 11.15 -32.76 -19.04
N ASP A 200 11.33 -33.17 -17.78
CA ASP A 200 11.41 -34.59 -17.45
C ASP A 200 10.04 -35.26 -17.42
N GLY A 201 8.95 -34.50 -17.53
CA GLY A 201 7.62 -35.05 -17.61
C GLY A 201 7.23 -35.95 -16.46
N ALA A 202 6.86 -35.36 -15.33
CA ALA A 202 6.54 -36.11 -14.13
C ALA A 202 5.05 -36.42 -14.07
N THR A 203 4.67 -37.22 -13.06
CA THR A 203 3.28 -37.62 -12.85
C THR A 203 2.94 -37.42 -11.39
N VAL A 204 1.81 -36.76 -11.12
CA VAL A 204 1.39 -36.46 -9.76
C VAL A 204 -0.04 -36.93 -9.54
N ASP A 205 -0.38 -37.12 -8.26
CA ASP A 205 -1.70 -37.59 -7.84
C ASP A 205 -2.32 -36.51 -6.97
N LEU A 206 -3.28 -35.77 -7.53
CA LEU A 206 -3.95 -34.69 -6.81
C LEU A 206 -5.18 -35.20 -6.11
N GLY A 207 -5.33 -34.84 -4.83
CA GLY A 207 -6.56 -35.11 -4.12
C GLY A 207 -7.69 -34.22 -4.59
N SER A 208 -8.88 -34.54 -4.11
CA SER A 208 -10.07 -33.80 -4.52
C SER A 208 -10.00 -32.30 -4.24
N PRO A 209 -9.52 -31.83 -3.08
CA PRO A 209 -9.50 -30.36 -2.88
C PRO A 209 -8.53 -29.65 -3.81
N ALA A 210 -7.38 -30.26 -4.12
CA ALA A 210 -6.41 -29.62 -5.00
C ALA A 210 -6.98 -29.47 -6.41
N ALA A 211 -7.71 -30.48 -6.90
CA ALA A 211 -8.26 -30.42 -8.24
C ALA A 211 -9.39 -29.41 -8.35
N GLN A 212 -10.09 -29.14 -7.24
CA GLN A 212 -11.14 -28.14 -7.23
C GLN A 212 -10.60 -26.71 -7.18
N ALA A 213 -9.28 -26.55 -7.14
CA ALA A 213 -8.66 -25.24 -7.13
C ALA A 213 -7.97 -24.90 -8.45
N ILE A 214 -7.85 -25.84 -9.38
CA ILE A 214 -7.17 -25.64 -10.65
C ILE A 214 -8.22 -25.52 -11.75
N TRP A 215 -8.40 -24.32 -12.28
CA TRP A 215 -9.22 -24.10 -13.46
C TRP A 215 -8.37 -24.21 -14.71
N VAL A 216 -8.90 -24.91 -15.73
CA VAL A 216 -8.10 -25.32 -16.87
C VAL A 216 -8.82 -24.94 -18.16
N VAL A 217 -8.03 -24.68 -19.21
CA VAL A 217 -8.56 -24.31 -20.53
C VAL A 217 -8.19 -25.41 -21.52
N SER A 218 -9.21 -26.05 -22.06
CA SER A 218 -9.04 -27.19 -23.01
C SER A 218 -8.66 -26.69 -24.41
N LEU A 219 -7.38 -26.66 -24.71
CA LEU A 219 -6.87 -26.22 -26.04
C LEU A 219 -5.40 -26.64 -26.19
N VAL B 3 -4.31 8.56 14.85
CA VAL B 3 -5.58 7.90 15.16
C VAL B 3 -5.44 6.38 15.14
N ALA B 4 -4.72 5.81 16.11
CA ALA B 4 -4.02 6.57 17.15
C ALA B 4 -2.55 6.70 16.77
N GLN B 5 -2.19 6.04 15.66
CA GLN B 5 -0.81 6.08 15.18
C GLN B 5 -0.47 7.41 14.53
N ASP B 6 -1.48 8.10 13.96
CA ASP B 6 -1.26 9.45 13.45
C ASP B 6 -0.87 10.40 14.58
N TYR B 7 -1.48 10.22 15.76
CA TYR B 7 -1.08 11.04 16.90
C TYR B 7 0.42 10.90 17.15
N LEU B 8 0.84 9.76 17.73
CA LEU B 8 2.25 9.53 18.07
C LEU B 8 3.21 10.04 17.00
N LYS B 9 2.88 9.81 15.73
CA LYS B 9 3.74 10.30 14.64
C LYS B 9 3.85 11.81 14.67
N VAL B 10 2.77 12.51 15.01
CA VAL B 10 2.79 13.96 14.98
C VAL B 10 3.59 14.53 16.15
N ILE B 11 3.42 13.98 17.37
CA ILE B 11 4.22 14.47 18.50
C ILE B 11 5.71 14.39 18.19
N TRP B 12 6.18 13.30 17.57
CA TRP B 12 7.62 13.21 17.29
C TRP B 12 8.05 14.19 16.20
N THR B 13 7.27 14.30 15.13
CA THR B 13 7.64 15.18 14.03
C THR B 13 7.60 16.65 14.44
N ALA B 14 6.83 17.00 15.46
CA ALA B 14 6.79 18.39 15.91
C ALA B 14 8.08 18.78 16.63
N GLN B 15 8.62 17.88 17.45
CA GLN B 15 9.85 18.13 18.18
C GLN B 15 11.09 17.68 17.42
N GLU B 16 10.98 17.53 16.09
CA GLU B 16 12.13 17.07 15.31
C GLU B 16 13.05 18.22 14.94
N TRP B 17 12.51 19.42 14.73
CA TRP B 17 13.31 20.57 14.33
C TRP B 17 13.21 21.74 15.29
N SER B 18 12.41 21.64 16.35
CA SER B 18 12.29 22.72 17.32
C SER B 18 12.09 22.10 18.70
N GLN B 19 12.16 22.95 19.73
CA GLN B 19 11.91 22.54 21.10
C GLN B 19 10.63 23.10 21.67
N ASP B 20 9.88 23.88 20.89
CA ASP B 20 8.52 24.25 21.29
C ASP B 20 7.68 22.98 21.42
N LYS B 21 6.93 22.87 22.51
CA LYS B 21 6.30 21.61 22.87
C LYS B 21 4.83 21.59 22.48
N VAL B 22 4.24 20.41 22.64
CA VAL B 22 2.95 20.07 22.06
C VAL B 22 1.87 20.22 23.12
N SER B 23 0.76 20.86 22.75
CA SER B 23 -0.43 20.94 23.59
C SER B 23 -1.59 20.24 22.88
N THR B 24 -2.52 19.73 23.69
CA THR B 24 -3.66 18.97 23.17
C THR B 24 -4.36 19.70 22.02
N LYS B 25 -4.40 21.03 22.07
CA LYS B 25 -5.04 21.80 21.01
C LYS B 25 -4.20 21.78 19.72
N MET B 26 -2.87 21.88 19.85
CA MET B 26 -2.03 21.91 18.66
C MET B 26 -2.09 20.60 17.89
N LEU B 27 -2.34 19.48 18.57
CA LEU B 27 -2.62 18.24 17.88
C LEU B 27 -3.93 18.31 17.11
N ALA B 28 -4.90 19.08 17.62
CA ALA B 28 -6.18 19.17 16.95
C ALA B 28 -6.13 20.07 15.73
N GLU B 29 -5.19 21.01 15.69
CA GLU B 29 -5.03 21.87 14.52
C GLU B 29 -4.14 21.26 13.45
N ARG B 30 -3.32 20.27 13.81
CA ARG B 30 -2.50 19.55 12.84
C ARG B 30 -3.22 18.33 12.29
N ILE B 31 -3.81 17.52 13.17
CA ILE B 31 -4.53 16.34 12.73
C ILE B 31 -5.91 16.72 12.21
N GLY B 32 -6.68 17.45 13.02
CA GLY B 32 -8.01 17.86 12.61
C GLY B 32 -9.11 17.25 13.46
N VAL B 33 -9.35 17.83 14.63
CA VAL B 33 -10.38 17.34 15.54
C VAL B 33 -10.69 18.44 16.56
N SER B 34 -11.68 18.21 17.42
CA SER B 34 -12.02 19.19 18.44
C SER B 34 -11.11 19.02 19.65
N ALA B 35 -11.00 20.10 20.43
CA ALA B 35 -10.21 20.05 21.67
C ALA B 35 -10.81 19.05 22.65
N SER B 36 -12.11 18.78 22.56
CA SER B 36 -12.74 17.77 23.41
C SER B 36 -12.21 16.38 23.08
N THR B 37 -12.43 15.92 21.85
CA THR B 37 -11.99 14.58 21.47
C THR B 37 -10.48 14.44 21.51
N ALA B 38 -9.74 15.54 21.29
CA ALA B 38 -8.29 15.47 21.23
C ALA B 38 -7.70 14.91 22.53
N SER B 39 -8.25 15.30 23.68
CA SER B 39 -7.76 14.78 24.95
C SER B 39 -8.16 13.31 25.14
N GLU B 40 -9.33 12.92 24.65
CA GLU B 40 -9.75 11.53 24.79
C GLU B 40 -8.90 10.60 23.94
N SER B 41 -8.40 11.08 22.80
CA SER B 41 -7.47 10.27 22.00
C SER B 41 -6.09 10.24 22.64
N ILE B 42 -5.72 11.30 23.38
CA ILE B 42 -4.43 11.30 24.07
C ILE B 42 -4.47 10.37 25.28
N ARG B 43 -5.61 10.30 25.96
CA ARG B 43 -5.70 9.54 27.20
C ARG B 43 -5.44 8.05 26.98
N LYS B 44 -5.86 7.51 25.84
CA LYS B 44 -5.68 6.08 25.62
C LYS B 44 -4.25 5.74 25.24
N LEU B 45 -3.53 6.68 24.62
CA LEU B 45 -2.09 6.50 24.44
C LEU B 45 -1.34 6.65 25.75
N ALA B 46 -1.89 7.43 26.68
CA ALA B 46 -1.29 7.55 28.01
C ALA B 46 -1.69 6.40 28.92
N GLU B 47 -2.87 5.82 28.68
CA GLU B 47 -3.35 4.66 29.43
C GLU B 47 -2.63 3.38 29.02
N GLN B 48 -1.90 3.40 27.89
CA GLN B 48 -1.16 2.25 27.42
C GLN B 48 0.30 2.25 27.86
N GLY B 49 0.79 3.34 28.43
CA GLY B 49 2.21 3.46 28.73
C GLY B 49 3.05 3.94 27.57
N LEU B 50 2.43 4.53 26.55
CA LEU B 50 3.14 5.05 25.39
C LEU B 50 3.48 6.52 25.52
N VAL B 51 2.90 7.22 26.49
CA VAL B 51 3.13 8.66 26.66
C VAL B 51 2.62 9.08 28.04
N ASP B 52 3.28 10.04 28.66
CA ASP B 52 2.83 10.55 29.96
C ASP B 52 2.20 11.92 29.80
N ALA B 58 2.31 20.10 26.54
CA ALA B 58 3.31 19.30 27.22
C ALA B 58 2.96 17.82 27.17
N VAL B 59 3.09 17.22 25.99
CA VAL B 59 2.74 15.81 25.80
C VAL B 59 3.90 14.94 26.25
N THR B 60 4.98 14.91 25.45
CA THR B 60 6.21 14.19 25.76
C THR B 60 6.00 12.69 25.86
N LEU B 61 6.56 11.95 24.91
CA LEU B 61 6.40 10.51 24.84
C LEU B 61 7.48 9.78 25.63
N THR B 62 7.21 8.51 25.94
CA THR B 62 8.12 7.66 26.69
C THR B 62 8.95 6.81 25.73
N ASP B 63 9.72 5.87 26.29
CA ASP B 63 10.61 5.04 25.48
C ASP B 63 9.81 4.15 24.53
N SER B 64 8.81 3.44 25.05
CA SER B 64 7.96 2.62 24.21
C SER B 64 7.12 3.45 23.25
N GLY B 65 6.86 4.72 23.59
CA GLY B 65 6.12 5.59 22.71
C GLY B 65 6.98 6.17 21.60
N ARG B 66 8.21 6.57 21.94
CA ARG B 66 9.16 7.00 20.92
C ARG B 66 9.40 5.90 19.89
N ARG B 67 9.39 4.64 20.35
CA ARG B 67 9.62 3.53 19.42
C ARG B 67 8.48 3.38 18.43
N ALA B 68 7.23 3.45 18.92
CA ALA B 68 6.09 3.32 18.02
C ALA B 68 6.01 4.48 17.04
N ALA B 69 6.26 5.70 17.53
CA ALA B 69 6.25 6.86 16.64
C ALA B 69 7.34 6.78 15.60
N LEU B 70 8.54 6.32 15.99
CA LEU B 70 9.63 6.17 15.04
C LEU B 70 9.31 5.15 13.97
N ALA B 71 8.52 4.13 14.30
CA ALA B 71 8.09 3.17 13.28
C ALA B 71 7.08 3.80 12.33
N MET B 72 6.15 4.60 12.86
CA MET B 72 5.20 5.29 12.00
C MET B 72 5.90 6.31 11.11
N VAL B 73 6.84 7.07 11.67
CA VAL B 73 7.62 8.01 10.88
C VAL B 73 8.40 7.26 9.79
N ARG B 74 8.97 6.11 10.14
CA ARG B 74 9.72 5.33 9.16
C ARG B 74 8.82 4.84 8.04
N ARG B 75 7.61 4.37 8.38
CA ARG B 75 6.68 3.91 7.35
C ARG B 75 6.28 5.05 6.42
N HIS B 76 5.98 6.22 6.99
CA HIS B 76 5.54 7.35 6.18
C HIS B 76 6.63 7.77 5.19
N ARG B 77 7.87 7.90 5.66
CA ARG B 77 8.93 8.43 4.83
C ARG B 77 9.46 7.39 3.83
N LEU B 78 9.38 6.10 4.17
CA LEU B 78 9.68 5.07 3.19
C LEU B 78 8.65 5.09 2.06
N LEU B 79 7.38 5.30 2.40
CA LEU B 79 6.34 5.40 1.37
C LEU B 79 6.57 6.60 0.48
N GLU B 80 6.86 7.76 1.08
CA GLU B 80 7.14 8.96 0.29
C GLU B 80 8.29 8.73 -0.68
N THR B 81 9.31 7.99 -0.25
CA THR B 81 10.44 7.71 -1.13
C THR B 81 10.06 6.71 -2.22
N PHE B 82 9.29 5.68 -1.87
CA PHE B 82 8.90 4.69 -2.86
C PHE B 82 8.03 5.32 -3.94
N LEU B 83 7.12 6.21 -3.56
CA LEU B 83 6.23 6.83 -4.53
C LEU B 83 7.01 7.63 -5.57
N VAL B 84 7.95 8.46 -5.12
CA VAL B 84 8.71 9.29 -6.04
C VAL B 84 9.64 8.42 -6.89
N ASN B 85 10.38 7.51 -6.25
CA ASN B 85 11.45 6.80 -6.94
C ASN B 85 10.94 5.70 -7.86
N GLU B 86 9.80 5.09 -7.55
CA GLU B 86 9.33 3.93 -8.29
C GLU B 86 8.09 4.19 -9.14
N LEU B 87 7.18 5.06 -8.69
CA LEU B 87 5.90 5.25 -9.36
C LEU B 87 5.74 6.64 -9.96
N GLY B 88 6.84 7.37 -10.15
CA GLY B 88 6.78 8.63 -10.88
C GLY B 88 6.08 9.76 -10.17
N TYR B 89 5.93 9.70 -8.86
CA TYR B 89 5.35 10.81 -8.12
C TYR B 89 6.35 11.95 -8.00
N ARG B 90 5.83 13.17 -7.94
CA ARG B 90 6.61 14.34 -7.57
C ARG B 90 6.63 14.47 -6.05
N TRP B 91 7.60 15.23 -5.53
CA TRP B 91 7.77 15.29 -4.09
C TRP B 91 6.63 16.02 -3.38
N ASP B 92 5.85 16.82 -4.11
CA ASP B 92 4.72 17.53 -3.53
C ASP B 92 3.42 16.75 -3.59
N GLU B 93 3.43 15.56 -4.19
CA GLU B 93 2.24 14.72 -4.29
C GLU B 93 2.23 13.57 -3.28
N VAL B 94 3.37 13.29 -2.65
CA VAL B 94 3.51 12.04 -1.90
C VAL B 94 2.95 12.11 -0.48
N HIS B 95 2.96 13.28 0.15
CA HIS B 95 2.65 13.35 1.58
C HIS B 95 1.22 12.90 1.86
N ASP B 96 0.24 13.54 1.23
CA ASP B 96 -1.16 13.22 1.51
C ASP B 96 -1.49 11.77 1.19
N GLU B 97 -0.88 11.22 0.14
CA GLU B 97 -1.13 9.82 -0.20
C GLU B 97 -0.39 8.88 0.76
N ALA B 98 0.89 9.15 1.01
CA ALA B 98 1.62 8.37 2.01
C ALA B 98 1.06 8.57 3.41
N GLU B 99 0.31 9.65 3.65
CA GLU B 99 -0.38 9.82 4.91
C GLU B 99 -1.47 8.77 5.10
N VAL B 100 -1.91 8.12 4.02
CA VAL B 100 -2.98 7.14 4.08
C VAL B 100 -2.45 5.70 4.06
N LEU B 101 -1.46 5.43 3.20
CA LEU B 101 -0.91 4.07 3.12
C LEU B 101 -0.27 3.64 4.43
N GLU B 102 0.23 4.58 5.23
CA GLU B 102 1.03 4.23 6.40
C GLU B 102 0.26 3.40 7.43
N HIS B 103 -1.07 3.34 7.33
CA HIS B 103 -1.87 2.57 8.27
C HIS B 103 -2.22 1.18 7.76
N ALA B 104 -2.06 0.91 6.47
CA ALA B 104 -2.44 -0.36 5.87
C ALA B 104 -1.26 -1.02 5.18
N VAL B 105 -0.08 -0.94 5.79
CA VAL B 105 1.13 -1.55 5.25
C VAL B 105 1.72 -2.46 6.31
N SER B 106 2.20 -3.63 5.89
CA SER B 106 2.82 -4.59 6.78
C SER B 106 4.32 -4.34 6.88
N ASP B 107 4.90 -4.81 7.99
CA ASP B 107 6.34 -4.66 8.18
C ASP B 107 7.13 -5.50 7.19
N ARG B 108 6.54 -6.58 6.67
CA ARG B 108 7.20 -7.33 5.60
C ARG B 108 7.23 -6.52 4.32
N LEU B 109 6.13 -5.82 4.02
CA LEU B 109 6.09 -5.00 2.81
C LEU B 109 7.05 -3.82 2.91
N MET B 110 7.13 -3.20 4.09
CA MET B 110 8.09 -2.11 4.28
C MET B 110 9.52 -2.58 4.06
N ALA B 111 9.85 -3.78 4.56
CA ALA B 111 11.22 -4.28 4.43
C ALA B 111 11.60 -4.48 2.97
N ARG B 112 10.65 -4.94 2.15
CA ARG B 112 10.94 -5.13 0.72
C ARG B 112 10.97 -3.80 -0.02
N ILE B 113 10.09 -2.86 0.35
CA ILE B 113 10.21 -1.50 -0.14
C ILE B 113 11.57 -0.93 0.28
N ASP B 114 11.93 -1.10 1.54
CA ASP B 114 13.21 -0.60 2.06
C ASP B 114 14.38 -1.19 1.28
N ALA B 115 14.33 -2.51 1.01
CA ALA B 115 15.42 -3.15 0.30
C ALA B 115 15.46 -2.75 -1.18
N LYS B 116 14.29 -2.54 -1.79
CA LYS B 116 14.27 -2.15 -3.19
C LYS B 116 14.77 -0.72 -3.39
N LEU B 117 14.56 0.15 -2.41
CA LEU B 117 15.05 1.52 -2.47
C LEU B 117 16.53 1.66 -2.15
N GLY B 118 17.20 0.56 -1.78
CA GLY B 118 18.61 0.61 -1.48
C GLY B 118 18.95 0.92 -0.05
N PHE B 119 17.98 0.81 0.87
CA PHE B 119 18.11 1.15 2.29
C PHE B 119 18.39 2.64 2.45
N PRO B 120 17.49 3.51 2.02
CA PRO B 120 17.79 4.95 2.00
C PRO B 120 17.77 5.57 3.39
N GLN B 121 18.62 6.59 3.57
CA GLN B 121 18.65 7.34 4.81
C GLN B 121 17.74 8.55 4.80
N ARG B 122 17.55 9.19 3.64
CA ARG B 122 16.70 10.36 3.53
C ARG B 122 15.58 10.12 2.53
N ASP B 123 14.45 10.76 2.76
CA ASP B 123 13.27 10.69 1.90
C ASP B 123 13.34 11.78 0.84
N PRO B 124 12.36 11.90 -0.07
CA PRO B 124 12.48 12.93 -1.12
C PRO B 124 12.62 14.35 -0.60
N HIS B 125 12.26 14.61 0.65
CA HIS B 125 12.35 15.95 1.23
C HIS B 125 13.60 16.13 2.08
N GLY B 126 14.51 15.16 2.09
CA GLY B 126 15.62 15.21 3.01
C GLY B 126 15.26 14.86 4.44
N ASP B 127 14.01 14.49 4.69
CA ASP B 127 13.61 14.09 6.04
C ASP B 127 14.30 12.77 6.39
N PRO B 128 14.88 12.65 7.59
CA PRO B 128 15.59 11.42 7.95
C PRO B 128 14.64 10.25 8.11
N ILE B 129 15.00 9.11 7.51
CA ILE B 129 14.21 7.89 7.59
C ILE B 129 14.74 7.08 8.77
N PRO B 130 13.96 6.86 9.82
CA PRO B 130 14.46 6.08 10.96
C PRO B 130 14.77 4.64 10.57
N GLY B 131 15.70 4.04 11.29
CA GLY B 131 15.98 2.63 11.12
C GLY B 131 14.94 1.76 11.78
N ALA B 132 15.00 0.46 11.47
CA ALA B 132 14.02 -0.48 12.02
C ALA B 132 14.08 -0.55 13.54
N ASP B 133 15.24 -0.26 14.11
CA ASP B 133 15.41 -0.25 15.57
C ASP B 133 15.32 1.15 16.15
N GLY B 134 15.00 2.15 15.34
CA GLY B 134 14.86 3.51 15.82
C GLY B 134 16.17 4.29 15.83
N GLN B 135 17.01 4.06 14.83
CA GLN B 135 18.29 4.76 14.70
C GLN B 135 18.09 5.89 13.70
N VAL B 136 17.79 7.08 14.21
CA VAL B 136 17.47 8.24 13.38
C VAL B 136 18.76 8.86 12.85
N PRO B 137 18.95 8.92 11.52
CA PRO B 137 20.15 9.57 10.95
C PRO B 137 19.94 11.06 10.71
N THR B 138 19.90 11.81 11.81
CA THR B 138 19.65 13.25 11.73
C THR B 138 20.83 13.95 11.06
N PRO B 139 20.59 14.73 9.99
CA PRO B 139 21.69 15.49 9.38
C PRO B 139 21.94 16.79 10.12
N PRO B 140 23.18 17.25 10.17
CA PRO B 140 23.48 18.48 10.91
C PRO B 140 23.14 19.73 10.10
N ALA B 141 21.90 20.20 10.22
CA ALA B 141 21.41 21.27 9.38
C ALA B 141 20.75 22.36 10.21
N ARG B 142 20.77 23.57 9.67
CA ARG B 142 20.09 24.72 10.25
C ARG B 142 19.30 25.44 9.16
N GLN B 143 18.33 26.24 9.59
CA GLN B 143 17.49 26.97 8.63
C GLN B 143 18.35 27.93 7.81
N LEU B 144 17.98 28.07 6.53
CA LEU B 144 18.70 29.00 5.67
C LEU B 144 18.49 30.45 6.11
N TRP B 145 17.29 30.76 6.63
CA TRP B 145 17.00 32.09 7.16
C TRP B 145 17.88 32.44 8.36
N ALA B 146 18.60 31.48 8.92
CA ALA B 146 19.51 31.74 10.02
C ALA B 146 20.93 32.02 9.57
N CYS B 147 21.21 31.92 8.28
CA CYS B 147 22.55 32.16 7.77
C CYS B 147 22.84 33.66 7.65
N ARG B 148 24.10 33.96 7.32
CA ARG B 148 24.55 35.33 7.16
C ARG B 148 25.39 35.43 5.90
N ASP B 149 25.31 36.58 5.23
CA ASP B 149 26.08 36.80 4.02
C ASP B 149 27.56 36.95 4.35
N GLY B 150 28.37 36.03 3.85
CA GLY B 150 27.88 34.97 2.99
C GLY B 150 28.45 33.59 3.26
N ASP B 151 27.72 32.79 4.04
CA ASP B 151 28.13 31.41 4.23
C ASP B 151 27.71 30.56 3.03
N THR B 152 28.23 29.34 2.96
CA THR B 152 27.87 28.36 1.96
C THR B 152 27.09 27.23 2.62
N GLY B 153 26.73 26.23 1.82
CA GLY B 153 26.05 25.08 2.38
C GLY B 153 25.13 24.32 1.44
N THR B 154 25.24 22.99 1.44
CA THR B 154 24.35 22.13 0.69
C THR B 154 23.00 22.01 1.39
N VAL B 155 21.95 21.91 0.59
CA VAL B 155 20.60 21.77 1.14
C VAL B 155 20.41 20.34 1.62
N ALA B 156 20.02 20.19 2.88
CA ALA B 156 19.81 18.87 3.48
C ALA B 156 18.33 18.49 3.50
N ARG B 157 17.50 19.29 4.15
CA ARG B 157 16.09 18.99 4.31
C ARG B 157 15.26 20.20 3.86
N ILE B 158 14.13 19.91 3.23
CA ILE B 158 13.18 20.95 2.83
C ILE B 158 11.81 20.57 3.41
N SER B 159 11.17 21.53 4.06
CA SER B 159 9.88 21.27 4.69
C SER B 159 8.83 20.89 3.65
N ASP B 160 7.85 20.09 4.07
CA ASP B 160 6.79 19.62 3.20
C ASP B 160 5.40 20.00 3.69
N ALA B 161 5.30 20.92 4.66
CA ALA B 161 4.00 21.30 5.19
C ALA B 161 3.10 21.94 4.14
N ASP B 162 3.67 22.38 3.02
CA ASP B 162 2.88 22.99 1.96
C ASP B 162 3.40 22.55 0.59
N PRO B 163 2.60 21.83 -0.19
CA PRO B 163 3.04 21.45 -1.55
C PRO B 163 3.23 22.64 -2.47
N GLN B 164 2.67 23.80 -2.11
CA GLN B 164 2.89 25.01 -2.89
C GLN B 164 4.35 25.45 -2.82
N MET B 165 5.01 25.23 -1.68
CA MET B 165 6.41 25.61 -1.53
C MET B 165 7.33 24.66 -2.27
N LEU B 166 7.05 23.35 -2.20
CA LEU B 166 7.86 22.38 -2.93
C LEU B 166 7.71 22.57 -4.44
N ARG B 167 6.48 22.76 -4.91
CA ARG B 167 6.27 23.06 -6.32
C ARG B 167 7.03 24.32 -6.73
N TYR B 168 7.07 25.32 -5.85
CA TYR B 168 7.80 26.55 -6.14
C TYR B 168 9.30 26.29 -6.16
N PHE B 169 9.83 25.58 -5.16
CA PHE B 169 11.26 25.35 -5.08
C PHE B 169 11.78 24.62 -6.30
N ALA B 170 11.02 23.64 -6.80
CA ALA B 170 11.46 22.89 -7.97
C ALA B 170 11.45 23.76 -9.22
N SER B 171 10.62 24.80 -9.26
CA SER B 171 10.51 25.62 -10.46
C SER B 171 11.77 26.46 -10.69
N ILE B 172 12.33 27.01 -9.62
CA ILE B 172 13.50 27.87 -9.76
C ILE B 172 14.78 27.06 -9.89
N GLY B 173 14.85 25.90 -9.23
CA GLY B 173 16.03 25.06 -9.31
C GLY B 173 16.60 24.69 -7.96
N ILE B 174 15.77 24.76 -6.92
CA ILE B 174 16.18 24.42 -5.57
C ILE B 174 15.76 22.98 -5.29
N SER B 175 16.73 22.14 -4.94
CA SER B 175 16.47 20.75 -4.63
C SER B 175 17.64 20.23 -3.82
N LEU B 176 17.40 19.15 -3.06
CA LEU B 176 18.42 18.55 -2.22
C LEU B 176 19.73 18.38 -2.98
N ASP B 177 20.84 18.63 -2.30
CA ASP B 177 22.23 18.53 -2.73
C ASP B 177 22.73 19.78 -3.44
N SER B 178 21.86 20.71 -3.81
CA SER B 178 22.30 21.93 -4.47
C SER B 178 23.02 22.85 -3.49
N ARG B 179 24.17 23.38 -3.90
CA ARG B 179 24.96 24.24 -3.05
C ARG B 179 24.48 25.68 -3.18
N LEU B 180 24.36 26.36 -2.04
CA LEU B 180 23.87 27.74 -2.02
C LEU B 180 24.90 28.65 -1.34
N ARG B 181 24.91 29.90 -1.79
CA ARG B 181 25.76 30.94 -1.21
C ARG B 181 24.91 32.19 -0.99
N VAL B 182 24.97 32.74 0.22
CA VAL B 182 24.11 33.85 0.61
C VAL B 182 24.79 35.17 0.24
N LEU B 183 24.02 36.08 -0.38
CA LEU B 183 24.49 37.42 -0.78
C LEU B 183 23.40 38.42 -0.39
N ALA B 184 23.31 38.72 0.92
CA ALA B 184 22.19 39.41 1.54
C ALA B 184 20.94 38.53 1.43
N ARG B 185 20.22 38.31 2.53
CA ARG B 185 20.48 38.98 3.83
C ARG B 185 19.90 40.39 3.81
N ARG B 186 18.61 40.52 3.54
CA ARG B 186 17.92 41.84 3.51
C ARG B 186 16.64 41.75 4.33
N GLU B 187 16.74 41.82 5.65
CA GLU B 187 15.54 41.70 6.54
C GLU B 187 14.53 42.82 6.24
N PHE B 188 14.98 44.06 6.07
CA PHE B 188 14.07 45.20 5.78
C PHE B 188 13.19 44.85 4.58
N ALA B 189 13.72 44.06 3.66
CA ALA B 189 13.00 43.63 2.47
C ALA B 189 12.28 42.30 2.66
N GLY B 190 12.47 41.64 3.80
CA GLY B 190 11.80 40.37 4.06
C GLY B 190 12.20 39.26 3.11
N MET B 191 13.46 39.26 2.66
CA MET B 191 13.92 38.23 1.72
C MET B 191 15.44 38.13 1.84
N ILE B 192 15.98 37.04 1.29
CA ILE B 192 17.41 36.85 1.16
C ILE B 192 17.72 36.41 -0.26
N SER B 193 18.82 36.91 -0.80
CA SER B 193 19.28 36.55 -2.14
C SER B 193 20.36 35.49 -2.02
N VAL B 194 20.30 34.48 -2.90
CA VAL B 194 21.28 33.41 -2.89
C VAL B 194 21.83 33.22 -4.30
N ALA B 195 23.10 32.84 -4.37
CA ALA B 195 23.70 32.29 -5.57
C ALA B 195 23.68 30.78 -5.48
N ILE B 196 23.42 30.12 -6.59
CA ILE B 196 23.32 28.66 -6.63
C ILE B 196 24.42 28.14 -7.55
N ASP B 197 25.30 27.30 -7.01
CA ASP B 197 26.41 26.70 -7.75
C ASP B 197 26.53 25.26 -7.23
N SER B 198 25.82 24.32 -7.86
CA SER B 198 25.15 24.42 -9.16
C SER B 198 24.09 25.50 -9.36
N GLY B 201 24.90 28.82 -11.54
CA GLY B 201 25.39 30.14 -11.20
C GLY B 201 24.28 31.17 -11.07
N ALA B 202 23.04 30.73 -11.28
CA ALA B 202 21.90 31.64 -11.31
C ALA B 202 21.72 32.35 -9.97
N THR B 203 20.98 33.45 -10.01
CA THR B 203 20.67 34.24 -8.83
C THR B 203 19.17 34.15 -8.55
N VAL B 204 18.81 33.78 -7.32
CA VAL B 204 17.44 33.57 -6.92
C VAL B 204 17.20 34.32 -5.61
N ASP B 205 16.04 34.98 -5.52
CA ASP B 205 15.63 35.67 -4.30
C ASP B 205 14.52 34.88 -3.62
N LEU B 206 14.66 34.69 -2.31
CA LEU B 206 13.71 33.91 -1.52
C LEU B 206 13.18 34.77 -0.39
N GLY B 207 11.86 34.81 -0.25
CA GLY B 207 11.26 35.49 0.88
C GLY B 207 11.55 34.76 2.19
N SER B 208 11.34 35.49 3.28
CA SER B 208 11.54 34.91 4.62
C SER B 208 10.80 33.60 4.85
N PRO B 209 9.53 33.43 4.43
CA PRO B 209 8.90 32.11 4.62
C PRO B 209 9.53 31.02 3.78
N ALA B 210 10.04 31.35 2.60
CA ALA B 210 10.65 30.33 1.74
C ALA B 210 11.98 29.86 2.31
N ALA B 211 12.86 30.80 2.67
CA ALA B 211 14.15 30.43 3.23
C ALA B 211 14.03 29.76 4.59
N GLN B 212 12.90 29.94 5.28
CA GLN B 212 12.66 29.28 6.55
C GLN B 212 12.32 27.80 6.41
N ALA B 213 12.07 27.32 5.18
CA ALA B 213 11.76 25.92 4.93
C ALA B 213 12.90 25.21 4.20
N ILE B 214 14.13 25.67 4.42
CA ILE B 214 15.32 25.12 3.76
C ILE B 214 16.41 24.97 4.82
N TRP B 215 16.61 23.73 5.29
CA TRP B 215 17.72 23.43 6.17
C TRP B 215 18.95 23.05 5.35
N VAL B 216 20.13 23.48 5.80
CA VAL B 216 21.36 23.36 5.02
C VAL B 216 22.51 22.89 5.89
N VAL B 217 23.53 22.31 5.25
CA VAL B 217 24.72 21.80 5.92
C VAL B 217 25.92 22.62 5.44
N SER B 218 26.54 23.33 6.37
CA SER B 218 27.65 24.27 6.10
C SER B 218 28.77 23.64 5.25
N LEU B 219 29.21 24.37 4.23
CA LEU B 219 30.29 23.92 3.32
C LEU B 219 30.01 22.49 2.86
#